data_5EWP
#
_entry.id   5EWP
#
_cell.length_a   46.800
_cell.length_b   54.940
_cell.length_c   64.650
_cell.angle_alpha   106.68
_cell.angle_beta   100.57
_cell.angle_gamma   99.60
#
_symmetry.space_group_name_H-M   'P 1'
#
loop_
_entity.id
_entity.type
_entity.pdbx_description
1 polymer 'ARO (armadillo repeats only protein)'
2 water water
#
_entity_poly.entity_id   1
_entity_poly.type   'polypeptide(L)'
_entity_poly.pdbx_seq_one_letter_code
;GSKTIRKLLSFTSNDILRFDKAYDENDVQEFVNLCSSTCEIEKLEDRMHPWAADPKTIGALSATQLAILASKENEPHYKD
AIREANGIAVFINLLKSHELDRVHAAVVALSFLSVDNVKNCICMFESGALPYLISGMKSNIDGMKAACAQTCRNIFVLDK
KYKKEFLKLGGITQLVNLLELPSNYDDSQPLYTQLEAIYHLEDFILNDGDEIPEFLEAVKNSNSIKNLKTLQQCPEQDLA
EASNVLLLRLTD
;
_entity_poly.pdbx_strand_id   A,B
#
# COMPACT_ATOMS: atom_id res chain seq x y z
N LEU A 9 48.32 4.22 -18.08
CA LEU A 9 47.89 2.83 -18.07
C LEU A 9 47.35 2.40 -19.44
N SER A 10 46.68 1.26 -19.46
CA SER A 10 46.16 0.68 -20.69
C SER A 10 44.89 1.34 -21.19
N PHE A 11 44.72 1.38 -22.52
CA PHE A 11 43.42 1.68 -23.12
C PHE A 11 42.47 0.56 -22.74
N THR A 12 41.21 0.89 -22.50
CA THR A 12 40.26 -0.15 -22.11
C THR A 12 38.89 0.08 -22.74
N SER A 13 37.98 -0.86 -22.54
CA SER A 13 36.65 -0.73 -23.11
C SER A 13 35.96 0.54 -22.63
N ASN A 14 35.20 1.15 -23.53
CA ASN A 14 34.38 2.30 -23.20
C ASN A 14 33.48 1.99 -22.01
N ASP A 15 32.95 0.77 -21.98
CA ASP A 15 32.00 0.39 -20.92
C ASP A 15 32.68 0.38 -19.54
N ILE A 16 33.95 -0.02 -19.52
CA ILE A 16 34.70 -0.01 -18.27
C ILE A 16 34.93 1.42 -17.81
N LEU A 17 35.25 2.31 -18.75
CA LEU A 17 35.43 3.70 -18.39
C LEU A 17 34.12 4.33 -17.92
N ARG A 18 33.03 4.01 -18.62
CA ARG A 18 31.71 4.51 -18.24
C ARG A 18 31.34 4.01 -16.85
N PHE A 19 31.64 2.74 -16.58
CA PHE A 19 31.38 2.20 -15.25
C PHE A 19 32.16 2.94 -14.16
N ASP A 20 33.46 3.12 -14.38
CA ASP A 20 34.29 3.76 -13.37
C ASP A 20 33.83 5.17 -13.06
N LYS A 21 33.42 5.89 -14.09
CA LYS A 21 32.94 7.26 -13.90
C LYS A 21 31.60 7.25 -13.19
N ALA A 22 30.70 6.36 -13.61
CA ALA A 22 29.40 6.26 -12.95
C ALA A 22 29.56 5.93 -11.47
N TYR A 23 30.55 5.09 -11.15
CA TYR A 23 30.82 4.68 -9.78
C TYR A 23 31.28 5.84 -8.91
N ASP A 24 32.26 6.59 -9.41
CA ASP A 24 32.74 7.78 -8.72
C ASP A 24 31.63 8.79 -8.45
N GLU A 25 30.62 8.83 -9.32
CA GLU A 25 29.60 9.89 -9.25
C GLU A 25 28.19 9.43 -8.85
N ASN A 26 28.04 8.18 -8.41
CA ASN A 26 26.71 7.60 -8.16
C ASN A 26 25.73 7.90 -9.27
N ASP A 27 26.18 7.74 -10.51
CA ASP A 27 25.36 8.06 -11.67
C ASP A 27 24.35 6.94 -11.93
N VAL A 28 23.16 7.10 -11.37
CA VAL A 28 22.11 6.10 -11.46
C VAL A 28 21.73 5.81 -12.91
N GLN A 29 21.47 6.83 -13.71
CA GLN A 29 21.03 6.62 -15.09
C GLN A 29 22.08 5.89 -15.91
N GLU A 30 23.34 6.22 -15.68
CA GLU A 30 24.40 5.56 -16.45
C GLU A 30 24.53 4.08 -16.05
N PHE A 31 24.42 3.80 -14.76
CA PHE A 31 24.39 2.40 -14.31
C PHE A 31 23.24 1.64 -14.97
N VAL A 32 22.04 2.23 -15.03
CA VAL A 32 20.95 1.55 -15.71
C VAL A 32 21.27 1.28 -17.19
N ASN A 33 21.83 2.28 -17.88
CA ASN A 33 22.20 2.11 -19.28
C ASN A 33 23.27 1.05 -19.46
N LEU A 34 24.12 0.92 -18.44
CA LEU A 34 25.24 -0.04 -18.48
C LEU A 34 24.82 -1.48 -18.16
N CYS A 35 23.61 -1.68 -17.65
CA CYS A 35 23.17 -3.03 -17.32
C CYS A 35 23.18 -3.96 -18.54
N SER A 36 23.02 -3.40 -19.73
CA SER A 36 23.02 -4.21 -20.94
C SER A 36 24.44 -4.59 -21.40
N SER A 37 25.47 -3.99 -20.80
CA SER A 37 26.84 -4.25 -21.23
C SER A 37 27.22 -5.71 -21.04
N THR A 38 27.80 -6.30 -22.08
CA THR A 38 28.31 -7.66 -22.02
C THR A 38 29.83 -7.68 -21.89
N CYS A 39 30.41 -6.52 -21.62
CA CYS A 39 31.86 -6.41 -21.46
C CYS A 39 32.35 -7.26 -20.28
N GLU A 40 33.19 -8.25 -20.54
CA GLU A 40 33.66 -9.17 -19.50
C GLU A 40 34.55 -8.43 -18.50
N ILE A 41 34.47 -8.81 -17.24
CA ILE A 41 35.39 -8.29 -16.23
C ILE A 41 36.21 -9.42 -15.64
N GLU A 42 37.27 -9.07 -14.92
CA GLU A 42 38.13 -10.07 -14.29
C GLU A 42 37.42 -10.67 -13.08
N LYS A 43 37.86 -11.86 -12.67
CA LYS A 43 37.31 -12.50 -11.47
C LYS A 43 37.48 -11.60 -10.25
N LEU A 44 36.48 -11.60 -9.37
CA LEU A 44 36.51 -10.77 -8.16
C LEU A 44 37.07 -11.52 -6.96
N ARG A 47 34.20 -11.21 -3.45
CA ARG A 47 32.74 -11.40 -3.33
C ARG A 47 32.06 -10.16 -2.76
N MET A 48 30.85 -9.87 -3.22
CA MET A 48 30.20 -8.62 -2.83
C MET A 48 28.89 -8.82 -2.07
N HIS A 49 28.44 -10.06 -1.94
CA HIS A 49 27.08 -10.34 -1.51
C HIS A 49 27.03 -11.77 -1.00
N PRO A 50 26.20 -12.05 0.02
CA PRO A 50 26.25 -13.39 0.62
C PRO A 50 25.77 -14.56 -0.25
N TRP A 51 24.95 -14.34 -1.28
CA TRP A 51 24.53 -15.47 -2.09
C TRP A 51 24.50 -15.22 -3.61
N ALA A 52 24.45 -13.95 -4.04
CA ALA A 52 24.38 -13.65 -5.47
C ALA A 52 25.67 -14.08 -6.17
N ALA A 53 25.53 -14.71 -7.34
CA ALA A 53 26.70 -15.12 -8.12
C ALA A 53 27.58 -13.93 -8.48
N ASP A 54 28.90 -14.10 -8.47
CA ASP A 54 29.80 -13.00 -8.83
C ASP A 54 29.50 -12.41 -10.21
N PRO A 55 29.39 -11.07 -10.29
CA PRO A 55 29.23 -10.43 -11.60
C PRO A 55 30.35 -10.81 -12.55
N LYS A 56 30.00 -11.16 -13.79
CA LYS A 56 31.00 -11.60 -14.76
C LYS A 56 31.16 -10.60 -15.89
N THR A 57 30.29 -9.60 -15.89
CA THR A 57 30.28 -8.53 -16.90
C THR A 57 30.00 -7.18 -16.28
N ILE A 58 30.31 -6.12 -17.00
CA ILE A 58 29.98 -4.77 -16.55
C ILE A 58 28.46 -4.64 -16.32
N GLY A 59 27.68 -5.34 -17.15
CA GLY A 59 26.23 -5.32 -17.01
C GLY A 59 25.76 -5.83 -15.65
N ALA A 60 26.24 -7.00 -15.25
CA ALA A 60 25.86 -7.53 -13.94
C ALA A 60 26.44 -6.69 -12.80
N LEU A 61 27.64 -6.14 -13.02
CA LEU A 61 28.27 -5.31 -12.00
C LEU A 61 27.49 -4.02 -11.77
N SER A 62 26.96 -3.46 -12.86
CA SER A 62 26.18 -2.24 -12.80
C SER A 62 24.86 -2.49 -12.06
N ALA A 63 24.23 -3.61 -12.35
CA ALA A 63 23.01 -4.01 -11.64
C ALA A 63 23.33 -4.16 -10.15
N THR A 64 24.51 -4.69 -9.83
CA THR A 64 24.90 -4.84 -8.43
C THR A 64 25.09 -3.46 -7.74
N GLN A 65 25.71 -2.51 -8.43
CA GLN A 65 25.89 -1.18 -7.82
C GLN A 65 24.53 -0.51 -7.60
N LEU A 66 23.60 -0.74 -8.52
CA LEU A 66 22.25 -0.18 -8.37
C LEU A 66 21.56 -0.81 -7.16
N ALA A 67 21.76 -2.12 -6.98
CA ALA A 67 21.20 -2.80 -5.80
C ALA A 67 21.77 -2.22 -4.51
N ILE A 68 23.06 -1.89 -4.52
CA ILE A 68 23.70 -1.30 -3.36
C ILE A 68 23.08 0.05 -3.04
N LEU A 69 22.86 0.86 -4.07
CA LEU A 69 22.23 2.16 -3.86
C LEU A 69 20.81 1.97 -3.34
N ALA A 70 20.08 1.00 -3.88
CA ALA A 70 18.72 0.72 -3.42
C ALA A 70 18.67 0.22 -1.97
N SER A 71 19.78 -0.30 -1.48
CA SER A 71 19.80 -0.89 -0.15
C SER A 71 20.18 0.14 0.92
N LYS A 72 20.52 1.35 0.50
CA LYS A 72 20.86 2.41 1.47
C LYS A 72 19.63 2.88 2.23
N GLU A 73 19.41 2.29 3.41
CA GLU A 73 18.33 2.67 4.33
C GLU A 73 18.17 4.18 4.53
N ASN A 74 19.29 4.86 4.80
CA ASN A 74 19.28 6.27 5.14
C ASN A 74 19.22 7.18 3.91
N GLU A 75 19.24 6.59 2.72
CA GLU A 75 19.06 7.36 1.49
C GLU A 75 17.97 6.75 0.61
N PRO A 76 16.72 6.75 1.08
CA PRO A 76 15.65 6.10 0.31
C PRO A 76 15.41 6.75 -1.06
N HIS A 77 15.98 7.92 -1.30
CA HIS A 77 15.73 8.61 -2.56
C HIS A 77 16.26 7.83 -3.77
N TYR A 78 17.26 6.98 -3.54
CA TYR A 78 17.79 6.20 -4.66
C TYR A 78 16.73 5.29 -5.27
N LYS A 79 15.80 4.81 -4.45
CA LYS A 79 14.76 3.90 -4.94
C LYS A 79 13.88 4.56 -5.97
N ASP A 80 13.61 5.85 -5.80
CA ASP A 80 12.85 6.60 -6.78
C ASP A 80 13.68 6.93 -8.01
N ALA A 81 14.93 7.33 -7.80
CA ALA A 81 15.81 7.68 -8.93
C ALA A 81 15.97 6.50 -9.87
N ILE A 82 16.07 5.30 -9.29
CA ILE A 82 16.25 4.10 -10.10
C ILE A 82 14.99 3.81 -10.91
N ARG A 83 13.82 3.97 -10.32
CA ARG A 83 12.60 3.78 -11.10
C ARG A 83 12.54 4.77 -12.26
N GLU A 84 12.84 6.03 -11.96
CA GLU A 84 12.70 7.10 -12.94
C GLU A 84 13.72 6.98 -14.07
N ALA A 85 14.76 6.19 -13.82
CA ALA A 85 15.82 5.96 -14.80
C ALA A 85 15.49 4.73 -15.65
N ASN A 86 14.26 4.23 -15.50
CA ASN A 86 13.78 3.03 -16.19
C ASN A 86 14.48 1.75 -15.69
N GLY A 87 14.99 1.78 -14.46
CA GLY A 87 15.66 0.62 -13.92
C GLY A 87 14.80 -0.64 -13.82
N ILE A 88 13.52 -0.51 -13.51
CA ILE A 88 12.75 -1.71 -13.22
C ILE A 88 12.56 -2.56 -14.48
N ALA A 89 12.26 -1.92 -15.61
CA ALA A 89 12.14 -2.67 -16.88
C ALA A 89 13.47 -3.34 -17.26
N VAL A 90 14.56 -2.62 -16.99
CA VAL A 90 15.89 -3.13 -17.28
C VAL A 90 16.22 -4.36 -16.42
N PHE A 91 15.87 -4.33 -15.13
CA PHE A 91 16.07 -5.49 -14.27
C PHE A 91 15.19 -6.68 -14.70
N ILE A 92 13.96 -6.41 -15.11
CA ILE A 92 13.11 -7.53 -15.54
C ILE A 92 13.71 -8.20 -16.77
N ASN A 93 14.33 -7.41 -17.62
CA ASN A 93 15.04 -7.97 -18.77
C ASN A 93 16.20 -8.86 -18.32
N LEU A 94 16.89 -8.47 -17.26
CA LEU A 94 18.00 -9.29 -16.75
C LEU A 94 17.47 -10.61 -16.17
N LEU A 95 16.25 -10.60 -15.66
CA LEU A 95 15.65 -11.83 -15.13
C LEU A 95 15.50 -12.90 -16.22
N LYS A 96 15.50 -12.48 -17.48
CA LYS A 96 15.35 -13.41 -18.61
C LYS A 96 16.68 -14.06 -18.98
N SER A 97 17.77 -13.62 -18.34
CA SER A 97 19.11 -14.08 -18.72
C SER A 97 19.40 -15.51 -18.26
N HIS A 98 20.22 -16.22 -19.03
CA HIS A 98 20.72 -17.53 -18.59
C HIS A 98 22.05 -17.40 -17.84
N GLU A 99 22.49 -16.16 -17.63
CA GLU A 99 23.66 -15.91 -16.81
C GLU A 99 23.23 -15.73 -15.36
N LEU A 100 23.71 -16.60 -14.49
CA LEU A 100 23.25 -16.63 -13.11
C LEU A 100 23.49 -15.29 -12.40
N ASP A 101 24.62 -14.63 -12.70
CA ASP A 101 24.94 -13.38 -12.01
C ASP A 101 24.00 -12.25 -12.41
N ARG A 102 23.51 -12.28 -13.65
CA ARG A 102 22.56 -11.26 -14.10
C ARG A 102 21.21 -11.44 -13.43
N VAL A 103 20.75 -12.68 -13.36
CA VAL A 103 19.47 -12.94 -12.70
C VAL A 103 19.58 -12.58 -11.23
N HIS A 104 20.64 -13.06 -10.57
CA HIS A 104 20.77 -12.80 -9.14
C HIS A 104 20.83 -11.31 -8.82
N ALA A 105 21.59 -10.57 -9.59
CA ALA A 105 21.74 -9.14 -9.35
C ALA A 105 20.39 -8.43 -9.51
N ALA A 106 19.63 -8.84 -10.52
CA ALA A 106 18.30 -8.28 -10.75
C ALA A 106 17.33 -8.60 -9.61
N VAL A 107 17.36 -9.83 -9.13
CA VAL A 107 16.53 -10.21 -7.99
C VAL A 107 16.90 -9.39 -6.75
N VAL A 108 18.19 -9.29 -6.45
CA VAL A 108 18.61 -8.47 -5.30
C VAL A 108 18.15 -7.02 -5.45
N ALA A 109 18.37 -6.42 -6.63
CA ALA A 109 17.97 -5.02 -6.86
C ALA A 109 16.46 -4.85 -6.67
N LEU A 110 15.69 -5.71 -7.32
CA LEU A 110 14.23 -5.60 -7.25
C LEU A 110 13.71 -5.83 -5.85
N SER A 111 14.35 -6.72 -5.09
CA SER A 111 13.86 -6.97 -3.74
C SER A 111 14.04 -5.73 -2.87
N PHE A 112 15.19 -5.04 -2.98
CA PHE A 112 15.36 -3.79 -2.25
C PHE A 112 14.45 -2.67 -2.76
N LEU A 113 14.26 -2.62 -4.07
CA LEU A 113 13.42 -1.56 -4.65
C LEU A 113 11.97 -1.71 -4.24
N SER A 114 11.60 -2.92 -3.85
CA SER A 114 10.19 -3.18 -3.49
C SER A 114 9.90 -2.82 -2.03
N VAL A 115 10.93 -2.48 -1.28
CA VAL A 115 10.78 -2.19 0.14
C VAL A 115 10.44 -0.71 0.35
N ASP A 116 9.32 -0.47 1.02
CA ASP A 116 8.90 0.89 1.34
C ASP A 116 8.85 1.77 0.09
N ASN A 117 8.30 1.24 -1.00
CA ASN A 117 8.17 2.05 -2.20
C ASN A 117 7.06 1.50 -3.06
N VAL A 118 5.86 2.03 -2.81
CA VAL A 118 4.68 1.54 -3.47
C VAL A 118 4.70 1.76 -4.98
N LYS A 119 5.23 2.90 -5.42
CA LYS A 119 5.32 3.15 -6.85
C LYS A 119 6.16 2.10 -7.56
N ASN A 120 7.28 1.71 -6.94
CA ASN A 120 8.11 0.68 -7.53
C ASN A 120 7.40 -0.64 -7.63
N CYS A 121 6.63 -1.00 -6.60
CA CYS A 121 5.92 -2.27 -6.61
C CYS A 121 4.87 -2.29 -7.71
N ILE A 122 4.17 -1.17 -7.84
CA ILE A 122 3.20 -1.02 -8.92
C ILE A 122 3.87 -1.17 -10.29
N CYS A 123 5.02 -0.51 -10.45
CA CYS A 123 5.79 -0.60 -11.68
C CYS A 123 6.25 -2.04 -11.95
N MET A 124 6.68 -2.75 -10.92
CA MET A 124 7.07 -4.14 -11.11
C MET A 124 5.90 -4.97 -11.59
N PHE A 125 4.72 -4.76 -11.01
CA PHE A 125 3.58 -5.54 -11.45
C PHE A 125 3.27 -5.23 -12.91
N GLU A 126 3.20 -3.95 -13.24
CA GLU A 126 2.78 -3.52 -14.56
C GLU A 126 3.81 -3.87 -15.63
N SER A 127 5.05 -4.09 -15.21
CA SER A 127 6.11 -4.36 -16.16
C SER A 127 6.35 -5.86 -16.33
N GLY A 128 5.58 -6.68 -15.62
CA GLY A 128 5.61 -8.12 -15.81
C GLY A 128 6.61 -8.93 -14.98
N ALA A 129 6.98 -8.43 -13.81
CA ALA A 129 7.97 -9.10 -12.97
C ALA A 129 7.47 -10.40 -12.35
N LEU A 130 6.18 -10.51 -12.06
CA LEU A 130 5.70 -11.62 -11.23
C LEU A 130 6.05 -13.03 -11.73
N PRO A 131 5.85 -13.34 -13.02
CA PRO A 131 6.17 -14.72 -13.44
C PRO A 131 7.63 -15.09 -13.17
N TYR A 132 8.54 -14.13 -13.35
CA TYR A 132 9.96 -14.40 -13.13
C TYR A 132 10.24 -14.57 -11.64
N LEU A 133 9.62 -13.72 -10.82
CA LEU A 133 9.84 -13.81 -9.39
C LEU A 133 9.24 -15.09 -8.82
N ILE A 134 8.09 -15.51 -9.36
CA ILE A 134 7.47 -16.74 -8.91
C ILE A 134 8.33 -17.94 -9.29
N SER A 135 8.87 -17.91 -10.51
CA SER A 135 9.78 -18.96 -10.95
C SER A 135 10.99 -19.03 -10.02
N GLY A 136 11.46 -17.86 -9.58
CA GLY A 136 12.61 -17.75 -8.69
C GLY A 136 12.42 -18.38 -7.32
N MET A 137 11.17 -18.48 -6.86
CA MET A 137 10.91 -19.14 -5.58
C MET A 137 11.22 -20.63 -5.64
N LYS A 138 11.47 -21.14 -6.85
CA LYS A 138 11.80 -22.56 -6.99
C LYS A 138 13.28 -22.84 -6.77
N SER A 139 14.10 -21.80 -6.74
CA SER A 139 15.55 -22.00 -6.62
C SER A 139 15.96 -22.76 -5.37
N ASN A 140 17.03 -23.54 -5.46
CA ASN A 140 17.56 -24.24 -4.29
C ASN A 140 18.41 -23.32 -3.43
N ILE A 141 18.61 -22.09 -3.89
CA ILE A 141 19.41 -21.17 -3.12
C ILE A 141 18.46 -20.41 -2.22
N ASP A 142 18.62 -20.57 -0.90
CA ASP A 142 17.67 -20.00 0.04
C ASP A 142 17.53 -18.48 -0.08
N GLY A 143 18.63 -17.78 -0.29
CA GLY A 143 18.58 -16.33 -0.40
C GLY A 143 17.74 -15.87 -1.56
N MET A 144 17.90 -16.57 -2.68
CA MET A 144 17.15 -16.34 -3.90
C MET A 144 15.64 -16.59 -3.68
N LYS A 145 15.28 -17.76 -3.16
CA LYS A 145 13.86 -18.07 -3.01
C LYS A 145 13.19 -17.14 -2.01
N ALA A 146 13.89 -16.77 -0.95
CA ALA A 146 13.33 -15.88 0.05
C ALA A 146 13.14 -14.46 -0.48
N ALA A 147 14.13 -13.97 -1.22
CA ALA A 147 14.06 -12.63 -1.82
C ALA A 147 12.94 -12.53 -2.84
N CYS A 148 12.79 -13.57 -3.66
CA CYS A 148 11.72 -13.59 -4.64
C CYS A 148 10.35 -13.60 -3.95
N ALA A 149 10.21 -14.41 -2.91
CA ALA A 149 8.96 -14.50 -2.16
C ALA A 149 8.61 -13.16 -1.52
N GLN A 150 9.59 -12.50 -0.93
CA GLN A 150 9.37 -11.19 -0.29
C GLN A 150 8.94 -10.15 -1.31
N THR A 151 9.58 -10.13 -2.48
CA THR A 151 9.24 -9.16 -3.51
C THR A 151 7.83 -9.39 -4.03
N CYS A 152 7.50 -10.65 -4.27
CA CYS A 152 6.12 -11.00 -4.65
C CYS A 152 5.11 -10.46 -3.64
N ARG A 153 5.40 -10.68 -2.36
CA ARG A 153 4.49 -10.23 -1.31
C ARG A 153 4.39 -8.71 -1.29
N ASN A 154 5.54 -8.04 -1.41
CA ASN A 154 5.54 -6.58 -1.38
C ASN A 154 4.69 -6.01 -2.50
N ILE A 155 4.67 -6.71 -3.63
CA ILE A 155 3.80 -6.34 -4.75
C ILE A 155 2.34 -6.72 -4.50
N PHE A 156 2.05 -7.98 -4.16
CA PHE A 156 0.64 -8.37 -4.23
C PHE A 156 -0.22 -7.83 -3.09
N VAL A 157 0.39 -7.38 -1.99
CA VAL A 157 -0.45 -6.84 -0.91
C VAL A 157 -1.13 -5.52 -1.29
N LEU A 158 -0.66 -4.89 -2.35
CA LEU A 158 -1.15 -3.55 -2.71
C LEU A 158 -2.50 -3.55 -3.45
N ASP A 159 -2.87 -4.67 -4.06
CA ASP A 159 -4.06 -4.68 -4.92
C ASP A 159 -4.63 -6.09 -5.07
N LYS A 160 -5.94 -6.22 -4.92
CA LYS A 160 -6.58 -7.51 -5.10
C LYS A 160 -6.31 -8.11 -6.48
N LYS A 161 -6.22 -7.27 -7.50
CA LYS A 161 -5.92 -7.78 -8.84
C LYS A 161 -4.52 -8.38 -8.92
N TYR A 162 -3.60 -7.85 -8.11
CA TYR A 162 -2.23 -8.38 -8.11
C TYR A 162 -2.22 -9.77 -7.47
N LYS A 163 -3.01 -9.93 -6.40
CA LYS A 163 -3.16 -11.22 -5.74
C LYS A 163 -3.79 -12.25 -6.69
N LYS A 164 -4.82 -11.83 -7.43
CA LYS A 164 -5.45 -12.70 -8.43
C LYS A 164 -4.44 -13.20 -9.47
N GLU A 165 -3.61 -12.28 -9.96
CA GLU A 165 -2.61 -12.62 -10.95
C GLU A 165 -1.56 -13.56 -10.35
N PHE A 166 -1.12 -13.25 -9.14
CA PHE A 166 -0.18 -14.09 -8.41
C PHE A 166 -0.71 -15.54 -8.31
N LEU A 167 -1.99 -15.66 -7.94
CA LEU A 167 -2.63 -16.97 -7.83
C LEU A 167 -2.69 -17.69 -9.17
N LYS A 168 -3.09 -16.95 -10.21
CA LYS A 168 -3.21 -17.49 -11.55
C LYS A 168 -1.88 -18.03 -12.08
N LEU A 169 -0.79 -17.38 -11.70
CA LEU A 169 0.54 -17.72 -12.19
C LEU A 169 1.21 -18.84 -11.40
N GLY A 170 0.51 -19.36 -10.40
CA GLY A 170 1.02 -20.46 -9.61
C GLY A 170 1.79 -20.01 -8.39
N GLY A 171 1.65 -18.73 -8.05
CA GLY A 171 2.39 -18.19 -6.92
C GLY A 171 2.08 -18.82 -5.58
N ILE A 172 0.84 -19.24 -5.35
CA ILE A 172 0.50 -19.85 -4.08
C ILE A 172 1.13 -21.23 -3.95
N THR A 173 1.16 -21.98 -5.04
CA THR A 173 1.88 -23.25 -5.06
C THR A 173 3.33 -23.07 -4.59
N GLN A 174 4.03 -22.09 -5.14
CA GLN A 174 5.43 -21.90 -4.77
C GLN A 174 5.57 -21.43 -3.33
N LEU A 175 4.70 -20.51 -2.88
CA LEU A 175 4.76 -20.07 -1.50
C LEU A 175 4.56 -21.18 -0.51
N VAL A 176 3.55 -22.01 -0.80
CA VAL A 176 3.22 -23.10 0.10
C VAL A 176 4.40 -24.07 0.14
N ASN A 177 5.06 -24.27 -1.00
CA ASN A 177 6.25 -25.11 -1.02
C ASN A 177 7.40 -24.58 -0.16
N LEU A 178 7.44 -23.27 0.04
CA LEU A 178 8.47 -22.70 0.90
C LEU A 178 8.26 -23.09 2.35
N LEU A 179 7.07 -23.61 2.69
CA LEU A 179 6.81 -24.07 4.05
C LEU A 179 7.50 -25.40 4.37
N GLU A 180 7.88 -26.14 3.34
CA GLU A 180 8.47 -27.47 3.54
C GLU A 180 9.82 -27.42 4.28
N LEU A 181 10.05 -28.41 5.13
CA LEU A 181 11.34 -28.56 5.79
C LEU A 181 12.39 -29.04 4.78
N PRO A 182 13.68 -28.73 5.03
CA PRO A 182 14.78 -29.35 4.30
C PRO A 182 14.76 -30.86 4.53
N SER A 183 15.18 -31.66 3.56
CA SER A 183 15.03 -33.11 3.63
C SER A 183 15.81 -33.81 4.77
N ASN A 184 16.89 -33.19 5.21
CA ASN A 184 17.68 -33.73 6.31
C ASN A 184 17.71 -32.74 7.44
N TYR A 185 16.54 -32.18 7.73
CA TYR A 185 16.39 -31.06 8.64
C TYR A 185 17.06 -31.29 9.98
N ASP A 186 17.77 -30.25 10.39
CA ASP A 186 18.65 -30.26 11.54
C ASP A 186 18.15 -29.19 12.51
N ASP A 187 17.67 -29.63 13.67
CA ASP A 187 17.01 -28.75 14.65
C ASP A 187 17.85 -27.55 15.08
N SER A 188 19.10 -27.50 14.62
CA SER A 188 20.01 -26.41 14.93
C SER A 188 19.78 -25.24 13.98
N GLN A 189 19.37 -25.54 12.75
CA GLN A 189 19.32 -24.53 11.71
C GLN A 189 17.98 -23.81 11.77
N PRO A 190 18.02 -22.47 11.65
CA PRO A 190 16.80 -21.66 11.67
C PRO A 190 15.98 -21.81 10.39
N LEU A 191 14.67 -21.68 10.53
CA LEU A 191 13.74 -21.87 9.43
C LEU A 191 13.12 -20.51 9.10
N TYR A 192 13.99 -19.56 8.77
CA TYR A 192 13.62 -18.20 8.42
C TYR A 192 12.62 -18.14 7.27
N THR A 193 12.98 -18.77 6.16
CA THR A 193 12.18 -18.72 4.94
C THR A 193 10.79 -19.31 5.20
N GLN A 194 10.73 -20.40 5.97
CA GLN A 194 9.44 -21.00 6.31
C GLN A 194 8.55 -20.05 7.09
N LEU A 195 9.12 -19.39 8.09
CA LEU A 195 8.39 -18.45 8.91
C LEU A 195 7.92 -17.26 8.08
N GLU A 196 8.79 -16.77 7.21
CA GLU A 196 8.41 -15.64 6.35
C GLU A 196 7.27 -16.03 5.42
N ALA A 197 7.32 -17.26 4.92
CA ALA A 197 6.27 -17.74 4.01
C ALA A 197 4.91 -17.82 4.72
N ILE A 198 4.90 -18.14 6.00
CA ILE A 198 3.65 -18.12 6.78
C ILE A 198 3.06 -16.72 6.72
N TYR A 199 3.90 -15.73 6.99
CA TYR A 199 3.44 -14.34 6.98
C TYR A 199 3.01 -13.89 5.59
N HIS A 200 3.70 -14.38 4.56
CA HIS A 200 3.30 -14.04 3.20
C HIS A 200 1.90 -14.58 2.89
N LEU A 201 1.63 -15.83 3.29
CA LEU A 201 0.34 -16.44 3.06
C LEU A 201 -0.78 -15.69 3.77
N GLU A 202 -0.53 -15.28 5.01
CA GLU A 202 -1.48 -14.46 5.74
C GLU A 202 -1.76 -13.16 5.00
N ASP A 203 -0.70 -12.52 4.50
CA ASP A 203 -0.86 -11.25 3.79
C ASP A 203 -1.62 -11.39 2.48
N PHE A 204 -1.53 -12.58 1.89
CA PHE A 204 -2.32 -12.91 0.71
C PHE A 204 -3.81 -13.04 1.08
N ILE A 205 -4.08 -13.76 2.17
CA ILE A 205 -5.47 -14.05 2.56
C ILE A 205 -6.18 -12.78 3.02
N LEU A 206 -5.45 -11.91 3.72
CA LEU A 206 -6.06 -10.74 4.36
C LEU A 206 -5.95 -9.47 3.52
N ASN A 207 -7.03 -8.69 3.55
CA ASN A 207 -7.00 -7.32 3.05
C ASN A 207 -7.21 -6.43 4.24
N ASP A 208 -6.12 -5.81 4.71
CA ASP A 208 -6.12 -5.00 5.92
C ASP A 208 -6.87 -5.65 7.08
N GLY A 209 -6.49 -6.88 7.40
CA GLY A 209 -7.05 -7.60 8.54
C GLY A 209 -8.30 -8.39 8.21
N ASP A 210 -8.96 -8.03 7.12
CA ASP A 210 -10.19 -8.72 6.72
C ASP A 210 -9.86 -9.90 5.83
N GLU A 211 -10.44 -11.04 6.18
CA GLU A 211 -10.27 -12.27 5.44
C GLU A 211 -10.95 -12.15 4.08
N ILE A 212 -10.23 -12.49 3.01
CA ILE A 212 -10.83 -12.53 1.68
C ILE A 212 -11.17 -13.98 1.32
N PRO A 213 -12.47 -14.30 1.23
CA PRO A 213 -12.94 -15.68 1.05
C PRO A 213 -12.30 -16.41 -0.12
N GLU A 214 -12.24 -15.77 -1.29
CA GLU A 214 -11.60 -16.35 -2.47
C GLU A 214 -10.17 -16.83 -2.20
N PHE A 215 -9.41 -15.99 -1.50
CA PHE A 215 -7.99 -16.24 -1.26
C PHE A 215 -7.83 -17.20 -0.09
N LEU A 216 -8.75 -17.14 0.85
CA LEU A 216 -8.78 -18.16 1.90
C LEU A 216 -8.92 -19.54 1.28
N GLU A 217 -9.81 -19.66 0.31
CA GLU A 217 -10.06 -20.95 -0.34
C GLU A 217 -8.86 -21.37 -1.19
N ALA A 218 -8.21 -20.40 -1.79
CA ALA A 218 -7.01 -20.69 -2.60
C ALA A 218 -5.94 -21.35 -1.74
N VAL A 219 -5.71 -20.81 -0.56
CA VAL A 219 -4.67 -21.35 0.30
C VAL A 219 -5.10 -22.71 0.88
N LYS A 220 -6.39 -22.88 1.10
CA LYS A 220 -6.92 -24.17 1.55
C LYS A 220 -6.69 -25.23 0.47
N ASN A 221 -6.87 -24.85 -0.79
CA ASN A 221 -6.68 -25.78 -1.89
C ASN A 221 -5.21 -25.92 -2.23
N SER A 222 -4.40 -26.31 -1.24
CA SER A 222 -2.97 -26.50 -1.43
C SER A 222 -2.42 -27.40 -0.32
N ASN A 223 -1.11 -27.60 -0.32
CA ASN A 223 -0.46 -28.38 0.73
C ASN A 223 -0.22 -27.60 2.00
N SER A 224 -0.92 -26.46 2.15
CA SER A 224 -0.66 -25.58 3.28
C SER A 224 -0.87 -26.27 4.62
N ILE A 225 -2.05 -26.87 4.80
CA ILE A 225 -2.40 -27.49 6.08
C ILE A 225 -1.42 -28.62 6.41
N LYS A 226 -1.14 -29.46 5.43
CA LYS A 226 -0.13 -30.50 5.58
C LYS A 226 1.22 -29.95 6.05
N ASN A 227 1.70 -28.91 5.36
CA ASN A 227 3.02 -28.36 5.66
C ASN A 227 3.03 -27.65 7.00
N LEU A 228 1.94 -26.94 7.30
CA LEU A 228 1.79 -26.22 8.54
C LEU A 228 1.76 -27.17 9.73
N LYS A 229 1.09 -28.30 9.58
CA LYS A 229 1.07 -29.31 10.64
C LYS A 229 2.48 -29.80 10.97
N THR A 230 3.29 -29.97 9.94
CA THR A 230 4.70 -30.35 10.12
C THR A 230 5.48 -29.25 10.84
N LEU A 231 5.23 -28.00 10.46
CA LEU A 231 5.95 -26.88 11.06
C LEU A 231 5.60 -26.64 12.54
N GLN A 232 4.34 -26.87 12.91
CA GLN A 232 3.92 -26.56 14.28
C GLN A 232 4.48 -27.50 15.34
N GLN A 233 5.34 -28.44 14.94
CA GLN A 233 5.97 -29.35 15.89
C GLN A 233 7.49 -29.13 15.96
N CYS A 234 7.96 -28.06 15.34
CA CYS A 234 9.38 -27.71 15.37
C CYS A 234 9.78 -27.07 16.71
N PRO A 235 11.05 -27.21 17.11
CA PRO A 235 11.48 -26.64 18.39
C PRO A 235 11.82 -25.16 18.28
N GLU A 236 10.81 -24.35 17.95
CA GLU A 236 11.02 -22.94 17.73
C GLU A 236 9.70 -22.21 17.94
N GLN A 237 9.60 -21.48 19.05
CA GLN A 237 8.33 -20.93 19.53
C GLN A 237 7.65 -20.00 18.53
N ASP A 238 8.41 -19.07 17.95
CA ASP A 238 7.87 -18.15 16.95
C ASP A 238 7.25 -18.92 15.80
N LEU A 239 8.02 -19.87 15.28
CA LEU A 239 7.59 -20.64 14.11
C LEU A 239 6.42 -21.56 14.47
N ALA A 240 6.47 -22.18 15.64
CA ALA A 240 5.44 -23.12 16.05
C ALA A 240 4.13 -22.40 16.29
N GLU A 241 4.22 -21.25 16.97
CA GLU A 241 3.05 -20.40 17.19
C GLU A 241 2.45 -19.86 15.90
N ALA A 242 3.29 -19.33 15.01
CA ALA A 242 2.82 -18.76 13.75
C ALA A 242 2.13 -19.82 12.91
N SER A 243 2.72 -21.01 12.89
CA SER A 243 2.18 -22.14 12.14
C SER A 243 0.82 -22.53 12.70
N ASN A 244 0.73 -22.60 14.02
CA ASN A 244 -0.52 -22.89 14.68
C ASN A 244 -1.60 -21.88 14.31
N VAL A 245 -1.24 -20.59 14.33
CA VAL A 245 -2.17 -19.52 14.02
C VAL A 245 -2.76 -19.60 12.61
N LEU A 246 -1.90 -19.78 11.60
CA LEU A 246 -2.39 -19.87 10.24
C LEU A 246 -3.18 -21.16 10.04
N LEU A 247 -2.72 -22.23 10.69
CA LEU A 247 -3.38 -23.52 10.59
C LEU A 247 -4.84 -23.43 11.04
N LEU A 248 -5.05 -22.82 12.22
CA LEU A 248 -6.39 -22.60 12.75
C LEU A 248 -7.29 -21.85 11.78
N ARG A 249 -6.70 -20.90 11.04
CA ARG A 249 -7.47 -20.10 10.10
C ARG A 249 -7.97 -20.95 8.94
N LEU A 250 -7.16 -21.91 8.52
CA LEU A 250 -7.46 -22.73 7.35
C LEU A 250 -8.30 -23.95 7.71
N THR A 251 -8.28 -24.33 8.98
CA THR A 251 -9.07 -25.47 9.46
C THR A 251 -10.49 -25.07 9.85
N LEU B 9 -42.59 18.03 -20.11
CA LEU B 9 -43.42 19.18 -20.47
C LEU B 9 -42.57 20.44 -20.72
N SER B 10 -41.93 20.94 -19.67
CA SER B 10 -41.17 22.18 -19.78
C SER B 10 -39.81 21.99 -20.46
N PHE B 11 -39.34 23.04 -21.14
CA PHE B 11 -37.93 23.10 -21.52
C PHE B 11 -37.16 23.17 -20.21
N THR B 12 -35.98 22.59 -20.16
CA THR B 12 -35.23 22.63 -18.91
C THR B 12 -33.78 22.96 -19.21
N SER B 13 -33.01 23.25 -18.16
CA SER B 13 -31.61 23.59 -18.34
C SER B 13 -30.88 22.43 -19.00
N ASN B 14 -29.92 22.77 -19.85
CA ASN B 14 -29.08 21.79 -20.51
C ASN B 14 -28.40 20.84 -19.52
N ASP B 15 -27.99 21.37 -18.37
CA ASP B 15 -27.27 20.55 -17.39
C ASP B 15 -28.12 19.42 -16.81
N ILE B 16 -29.41 19.67 -16.66
CA ILE B 16 -30.31 18.64 -16.15
C ILE B 16 -30.44 17.51 -17.17
N LEU B 17 -30.54 17.87 -18.45
CA LEU B 17 -30.64 16.88 -19.51
C LEU B 17 -29.35 16.07 -19.62
N ARG B 18 -28.21 16.77 -19.53
CA ARG B 18 -26.92 16.10 -19.58
C ARG B 18 -26.78 15.11 -18.42
N PHE B 19 -27.22 15.52 -17.23
CA PHE B 19 -27.19 14.65 -16.08
C PHE B 19 -28.03 13.38 -16.29
N ASP B 20 -29.26 13.55 -16.78
CA ASP B 20 -30.15 12.40 -16.96
C ASP B 20 -29.57 11.40 -17.94
N LYS B 21 -28.91 11.91 -18.98
CA LYS B 21 -28.29 11.06 -19.98
C LYS B 21 -27.04 10.38 -19.42
N ALA B 22 -26.23 11.12 -18.68
CA ALA B 22 -25.06 10.55 -18.02
C ALA B 22 -25.49 9.45 -17.06
N TYR B 23 -26.61 9.67 -16.37
CA TYR B 23 -27.11 8.70 -15.39
C TYR B 23 -27.52 7.40 -16.05
N ASP B 24 -28.33 7.51 -17.10
CA ASP B 24 -28.77 6.37 -17.88
C ASP B 24 -27.60 5.54 -18.42
N GLU B 25 -26.48 6.22 -18.69
CA GLU B 25 -25.37 5.57 -19.37
C GLU B 25 -24.13 5.36 -18.51
N ASN B 26 -24.25 5.57 -17.20
CA ASN B 26 -23.10 5.56 -16.29
C ASN B 26 -21.89 6.27 -16.89
N ASP B 27 -22.13 7.45 -17.46
CA ASP B 27 -21.08 8.21 -18.13
C ASP B 27 -20.21 8.93 -17.09
N VAL B 28 -19.14 8.25 -16.70
CA VAL B 28 -18.24 8.77 -15.67
C VAL B 28 -17.65 10.12 -16.04
N GLN B 29 -17.11 10.23 -17.25
CA GLN B 29 -16.47 11.47 -17.64
C GLN B 29 -17.46 12.64 -17.62
N GLU B 30 -18.69 12.38 -18.05
CA GLU B 30 -19.68 13.43 -18.10
C GLU B 30 -20.09 13.88 -16.69
N PHE B 31 -20.24 12.93 -15.77
CA PHE B 31 -20.49 13.28 -14.37
C PHE B 31 -19.35 14.16 -13.84
N VAL B 32 -18.11 13.79 -14.13
CA VAL B 32 -17.00 14.63 -13.68
C VAL B 32 -17.10 16.04 -14.26
N ASN B 33 -17.43 16.13 -15.55
CA ASN B 33 -17.60 17.43 -16.19
C ASN B 33 -18.72 18.21 -15.55
N LEU B 34 -19.76 17.49 -15.12
CA LEU B 34 -20.94 18.14 -14.56
C LEU B 34 -20.75 18.61 -13.12
N CYS B 35 -19.67 18.18 -12.47
CA CYS B 35 -19.47 18.59 -11.09
C CYS B 35 -19.41 20.10 -10.91
N SER B 36 -19.01 20.82 -11.97
CA SER B 36 -18.94 22.27 -11.86
C SER B 36 -20.31 22.93 -12.03
N SER B 37 -21.31 22.17 -12.45
CA SER B 37 -22.62 22.77 -12.71
C SER B 37 -23.27 23.40 -11.48
N THR B 38 -23.73 24.65 -11.64
CA THR B 38 -24.45 25.35 -10.59
C THR B 38 -25.96 25.35 -10.85
N CYS B 39 -26.37 24.54 -11.83
CA CYS B 39 -27.78 24.42 -12.17
C CYS B 39 -28.56 23.90 -10.97
N GLU B 40 -29.53 24.69 -10.53
CA GLU B 40 -30.32 24.35 -9.35
C GLU B 40 -31.18 23.12 -9.61
N ILE B 41 -31.34 22.27 -8.61
CA ILE B 41 -32.28 21.17 -8.72
C ILE B 41 -33.39 21.30 -7.68
N GLU B 42 -34.45 20.53 -7.88
CA GLU B 42 -35.58 20.55 -6.95
C GLU B 42 -35.18 19.81 -5.68
N LYS B 43 -35.89 20.07 -4.58
CA LYS B 43 -35.66 19.32 -3.35
C LYS B 43 -35.84 17.83 -3.61
N LEU B 44 -35.04 17.01 -2.94
CA LEU B 44 -35.11 15.55 -3.11
C LEU B 44 -36.04 14.92 -2.08
N ARG B 47 -33.68 12.36 -0.53
CA ARG B 47 -33.22 10.99 -0.67
C ARG B 47 -31.98 10.66 0.16
N MET B 48 -31.00 10.03 -0.49
CA MET B 48 -30.09 9.15 0.22
C MET B 48 -28.59 9.38 0.30
N HIS B 49 -28.16 9.72 1.50
CA HIS B 49 -26.87 9.38 2.07
C HIS B 49 -27.13 9.61 3.55
N PRO B 50 -26.54 8.80 4.43
CA PRO B 50 -26.96 8.97 5.84
C PRO B 50 -26.53 10.28 6.49
N TRP B 51 -25.51 10.97 5.99
CA TRP B 51 -25.12 12.21 6.65
C TRP B 51 -24.80 13.39 5.72
N ALA B 52 -24.50 13.14 4.45
CA ALA B 52 -24.12 14.24 3.56
C ALA B 52 -25.29 15.22 3.35
N ALA B 53 -24.99 16.51 3.35
CA ALA B 53 -26.02 17.52 3.07
C ALA B 53 -26.65 17.26 1.69
N ASP B 54 -27.97 17.42 1.59
CA ASP B 54 -28.67 17.22 0.33
C ASP B 54 -28.12 18.07 -0.80
N PRO B 55 -27.83 17.44 -1.94
CA PRO B 55 -27.41 18.17 -3.14
C PRO B 55 -28.43 19.24 -3.56
N LYS B 56 -27.95 20.44 -3.86
CA LYS B 56 -28.83 21.54 -4.26
C LYS B 56 -28.57 21.95 -5.71
N THR B 57 -27.56 21.35 -6.33
CA THR B 57 -27.19 21.65 -7.71
C THR B 57 -26.87 20.38 -8.46
N ILE B 58 -26.91 20.43 -9.79
CA ILE B 58 -26.49 19.29 -10.58
C ILE B 58 -25.02 18.93 -10.28
N GLY B 59 -24.21 19.94 -9.99
CA GLY B 59 -22.82 19.71 -9.62
C GLY B 59 -22.64 18.81 -8.40
N ALA B 60 -23.31 19.16 -7.30
CA ALA B 60 -23.23 18.31 -6.11
C ALA B 60 -23.92 16.96 -6.34
N LEU B 61 -24.98 16.95 -7.15
CA LEU B 61 -25.65 15.68 -7.46
C LEU B 61 -24.75 14.76 -8.28
N SER B 62 -23.97 15.36 -9.18
CA SER B 62 -23.04 14.58 -10.00
C SER B 62 -21.92 13.99 -9.14
N ALA B 63 -21.38 14.77 -8.21
CA ALA B 63 -20.38 14.23 -7.29
C ALA B 63 -20.97 13.04 -6.51
N THR B 64 -22.24 13.18 -6.12
CA THR B 64 -22.90 12.11 -5.39
C THR B 64 -23.04 10.85 -6.24
N GLN B 65 -23.42 10.98 -7.49
CA GLN B 65 -23.55 9.82 -8.36
C GLN B 65 -22.17 9.16 -8.56
N LEU B 66 -21.14 10.00 -8.65
CA LEU B 66 -19.79 9.44 -8.77
C LEU B 66 -19.41 8.64 -7.52
N ALA B 67 -19.78 9.16 -6.35
CA ALA B 67 -19.53 8.47 -5.09
C ALA B 67 -20.25 7.12 -5.05
N ILE B 68 -21.48 7.09 -5.55
CA ILE B 68 -22.24 5.85 -5.58
C ILE B 68 -21.53 4.83 -6.45
N LEU B 69 -21.05 5.28 -7.61
CA LEU B 69 -20.29 4.40 -8.47
C LEU B 69 -19.01 3.93 -7.78
N ALA B 70 -18.31 4.84 -7.10
CA ALA B 70 -17.07 4.47 -6.40
C ALA B 70 -17.34 3.47 -5.28
N SER B 71 -18.57 3.42 -4.79
CA SER B 71 -18.90 2.57 -3.66
C SER B 71 -19.43 1.19 -4.06
N LYS B 72 -19.63 0.96 -5.36
CA LYS B 72 -20.13 -0.33 -5.82
C LYS B 72 -19.06 -1.40 -5.63
N GLU B 73 -19.14 -2.11 -4.51
CA GLU B 73 -18.23 -3.21 -4.17
C GLU B 73 -17.88 -4.15 -5.33
N ASN B 74 -18.90 -4.60 -6.03
CA ASN B 74 -18.73 -5.60 -7.08
C ASN B 74 -18.24 -5.02 -8.40
N GLU B 75 -18.09 -3.71 -8.49
CA GLU B 75 -17.51 -3.08 -9.68
C GLU B 75 -16.39 -2.08 -9.36
N PRO B 76 -15.27 -2.57 -8.83
CA PRO B 76 -14.15 -1.70 -8.44
C PRO B 76 -13.53 -0.93 -9.59
N HIS B 77 -13.84 -1.29 -10.83
CA HIS B 77 -13.23 -0.61 -11.97
C HIS B 77 -13.62 0.87 -12.01
N TYR B 78 -14.78 1.21 -11.44
CA TYR B 78 -15.20 2.59 -11.44
C TYR B 78 -14.19 3.50 -10.73
N LYS B 79 -13.55 2.97 -9.69
CA LYS B 79 -12.57 3.75 -8.94
C LYS B 79 -11.40 4.17 -9.82
N ASP B 80 -11.02 3.32 -10.76
CA ASP B 80 -9.97 3.68 -11.70
C ASP B 80 -10.49 4.63 -12.78
N ALA B 81 -11.69 4.36 -13.27
CA ALA B 81 -12.30 5.18 -14.32
C ALA B 81 -12.44 6.63 -13.86
N ILE B 82 -12.84 6.80 -12.60
CA ILE B 82 -13.04 8.13 -12.04
C ILE B 82 -11.71 8.87 -11.94
N ARG B 83 -10.65 8.18 -11.53
CA ARG B 83 -9.33 8.83 -11.52
C ARG B 83 -8.92 9.25 -12.93
N GLU B 84 -9.12 8.36 -13.89
CA GLU B 84 -8.68 8.61 -15.25
C GLU B 84 -9.50 9.73 -15.90
N ALA B 85 -10.65 10.03 -15.31
CA ALA B 85 -11.53 11.09 -15.81
C ALA B 85 -11.22 12.43 -15.14
N ASN B 86 -10.13 12.45 -14.37
CA ASN B 86 -9.68 13.62 -13.60
C ASN B 86 -10.64 13.96 -12.42
N GLY B 87 -11.36 12.96 -11.94
CA GLY B 87 -12.27 13.14 -10.83
C GLY B 87 -11.60 13.63 -9.55
N ILE B 88 -10.39 13.16 -9.28
CA ILE B 88 -9.82 13.49 -7.98
C ILE B 88 -9.51 14.99 -7.86
N ALA B 89 -8.93 15.59 -8.90
CA ALA B 89 -8.69 17.04 -8.86
C ALA B 89 -10.02 17.81 -8.78
N VAL B 90 -11.03 17.29 -9.47
CA VAL B 90 -12.34 17.95 -9.45
C VAL B 90 -12.96 17.90 -8.05
N PHE B 91 -12.87 16.77 -7.36
CA PHE B 91 -13.41 16.66 -6.00
C PHE B 91 -12.64 17.57 -5.05
N ILE B 92 -11.32 17.64 -5.24
CA ILE B 92 -10.52 18.48 -4.35
C ILE B 92 -10.94 19.94 -4.53
N ASN B 93 -11.26 20.33 -5.75
CA ASN B 93 -11.80 21.68 -5.95
C ASN B 93 -13.15 21.87 -5.23
N LEU B 94 -13.99 20.83 -5.22
CA LEU B 94 -15.29 20.95 -4.53
C LEU B 94 -15.10 21.12 -3.01
N LEU B 95 -14.01 20.58 -2.48
CA LEU B 95 -13.72 20.73 -1.05
C LEU B 95 -13.52 22.20 -0.67
N LYS B 96 -13.20 23.03 -1.65
CA LYS B 96 -12.96 24.45 -1.39
C LYS B 96 -14.26 25.25 -1.36
N SER B 97 -15.38 24.59 -1.66
CA SER B 97 -16.64 25.30 -1.82
C SER B 97 -17.20 25.77 -0.47
N HIS B 98 -17.94 26.86 -0.51
CA HIS B 98 -18.67 27.30 0.66
C HIS B 98 -20.01 26.59 0.74
N GLU B 99 -20.32 25.80 -0.28
CA GLU B 99 -21.58 25.05 -0.26
C GLU B 99 -21.37 23.70 0.40
N LEU B 100 -22.05 23.46 1.52
CA LEU B 100 -21.79 22.24 2.28
C LEU B 100 -22.10 20.96 1.49
N ASP B 101 -23.13 21.00 0.65
CA ASP B 101 -23.49 19.79 -0.09
C ASP B 101 -22.39 19.44 -1.11
N ARG B 102 -21.65 20.44 -1.60
CA ARG B 102 -20.52 20.17 -2.49
C ARG B 102 -19.36 19.54 -1.71
N VAL B 103 -19.07 20.11 -0.55
CA VAL B 103 -17.96 19.61 0.27
C VAL B 103 -18.24 18.18 0.69
N HIS B 104 -19.44 17.93 1.22
CA HIS B 104 -19.77 16.60 1.68
C HIS B 104 -19.73 15.59 0.54
N ALA B 105 -20.28 15.96 -0.61
CA ALA B 105 -20.30 15.01 -1.73
C ALA B 105 -18.89 14.63 -2.12
N ALA B 106 -17.99 15.61 -2.10
CA ALA B 106 -16.59 15.39 -2.43
C ALA B 106 -15.88 14.49 -1.42
N VAL B 107 -16.12 14.72 -0.12
CA VAL B 107 -15.54 13.85 0.92
C VAL B 107 -16.05 12.42 0.77
N VAL B 108 -17.36 12.25 0.57
CA VAL B 108 -17.88 10.91 0.39
C VAL B 108 -17.22 10.23 -0.82
N ALA B 109 -17.14 10.92 -1.95
CA ALA B 109 -16.50 10.37 -3.15
C ALA B 109 -15.04 10.01 -2.90
N LEU B 110 -14.30 10.95 -2.35
CA LEU B 110 -12.87 10.70 -2.12
C LEU B 110 -12.66 9.56 -1.12
N SER B 111 -13.52 9.46 -0.11
CA SER B 111 -13.31 8.42 0.88
C SER B 111 -13.52 7.04 0.25
N PHE B 112 -14.52 6.87 -0.61
CA PHE B 112 -14.69 5.60 -1.32
C PHE B 112 -13.56 5.35 -2.31
N LEU B 113 -13.11 6.41 -2.97
CA LEU B 113 -12.03 6.26 -3.95
C LEU B 113 -10.73 5.86 -3.28
N SER B 114 -10.60 6.15 -1.98
CA SER B 114 -9.35 5.84 -1.29
C SER B 114 -9.30 4.39 -0.82
N VAL B 115 -10.41 3.68 -0.94
CA VAL B 115 -10.48 2.31 -0.42
C VAL B 115 -10.00 1.32 -1.46
N ASP B 116 -9.00 0.52 -1.07
CA ASP B 116 -8.49 -0.52 -1.96
C ASP B 116 -8.07 0.04 -3.32
N ASN B 117 -7.40 1.19 -3.32
CA ASN B 117 -6.94 1.76 -4.56
C ASN B 117 -5.78 2.67 -4.28
N VAL B 118 -4.59 2.07 -4.31
CA VAL B 118 -3.39 2.79 -3.97
C VAL B 118 -3.10 3.94 -4.95
N LYS B 119 -3.39 3.74 -6.23
CA LYS B 119 -3.17 4.81 -7.21
C LYS B 119 -3.98 6.06 -6.87
N ASN B 120 -5.22 5.86 -6.46
CA ASN B 120 -6.06 6.99 -6.08
C ASN B 120 -5.51 7.72 -4.87
N CYS B 121 -5.02 6.97 -3.89
CA CYS B 121 -4.51 7.59 -2.67
C CYS B 121 -3.27 8.43 -3.00
N ILE B 122 -2.40 7.88 -3.84
CA ILE B 122 -1.23 8.62 -4.28
C ILE B 122 -1.66 9.89 -5.00
N CYS B 123 -2.65 9.77 -5.90
CA CYS B 123 -3.16 10.91 -6.64
C CYS B 123 -3.72 11.99 -5.70
N MET B 124 -4.44 11.56 -4.67
CA MET B 124 -4.98 12.53 -3.69
C MET B 124 -3.86 13.26 -2.96
N PHE B 125 -2.82 12.54 -2.56
CA PHE B 125 -1.73 13.21 -1.89
C PHE B 125 -1.10 14.22 -2.82
N GLU B 126 -0.80 13.78 -4.03
CA GLU B 126 -0.06 14.61 -4.98
C GLU B 126 -0.88 15.79 -5.48
N SER B 127 -2.21 15.69 -5.34
CA SER B 127 -3.10 16.72 -5.84
C SER B 127 -3.50 17.70 -4.75
N GLY B 128 -3.00 17.48 -3.55
CA GLY B 128 -3.19 18.44 -2.46
C GLY B 128 -4.43 18.23 -1.59
N ALA B 129 -4.90 17.00 -1.47
CA ALA B 129 -6.10 16.71 -0.69
C ALA B 129 -5.91 16.87 0.82
N LEU B 130 -4.71 16.58 1.33
CA LEU B 130 -4.56 16.44 2.78
C LEU B 130 -5.00 17.65 3.64
N PRO B 131 -4.61 18.90 3.27
CA PRO B 131 -5.05 20.01 4.16
C PRO B 131 -6.58 20.10 4.30
N TYR B 132 -7.28 19.81 3.21
CA TYR B 132 -8.74 19.88 3.21
C TYR B 132 -9.34 18.75 4.02
N LEU B 133 -8.80 17.54 3.86
CA LEU B 133 -9.31 16.39 4.60
C LEU B 133 -9.04 16.57 6.10
N ILE B 134 -7.89 17.16 6.43
CA ILE B 134 -7.55 17.41 7.83
C ILE B 134 -8.50 18.44 8.42
N SER B 135 -8.82 19.49 7.65
CA SER B 135 -9.81 20.47 8.10
C SER B 135 -11.15 19.82 8.36
N GLY B 136 -11.47 18.82 7.53
CA GLY B 136 -12.72 18.09 7.61
C GLY B 136 -12.89 17.35 8.91
N MET B 137 -11.78 16.99 9.56
CA MET B 137 -11.88 16.35 10.86
C MET B 137 -12.37 17.31 11.96
N LYS B 138 -12.45 18.61 11.67
CA LYS B 138 -12.97 19.60 12.61
C LYS B 138 -14.48 19.70 12.56
N SER B 139 -15.08 19.05 11.58
CA SER B 139 -16.55 19.08 11.43
C SER B 139 -17.31 18.55 12.65
N ASN B 140 -18.50 19.11 12.90
CA ASN B 140 -19.37 18.65 13.96
C ASN B 140 -20.24 17.47 13.53
N ILE B 141 -20.06 17.05 12.28
CA ILE B 141 -20.78 15.91 11.76
C ILE B 141 -19.94 14.66 11.86
N ASP B 142 -20.41 13.67 12.63
CA ASP B 142 -19.57 12.49 12.92
C ASP B 142 -19.18 11.74 11.65
N GLY B 143 -20.10 11.59 10.70
CA GLY B 143 -19.79 10.87 9.48
C GLY B 143 -18.67 11.55 8.70
N MET B 144 -18.74 12.87 8.67
CA MET B 144 -17.76 13.70 8.00
C MET B 144 -16.39 13.54 8.64
N LYS B 145 -16.32 13.69 9.94
CA LYS B 145 -14.97 13.62 10.53
C LYS B 145 -14.38 12.22 10.43
N ALA B 146 -15.21 11.18 10.57
CA ALA B 146 -14.74 9.80 10.45
C ALA B 146 -14.30 9.47 9.03
N ALA B 147 -15.04 9.97 8.04
CA ALA B 147 -14.68 9.74 6.64
C ALA B 147 -13.37 10.43 6.33
N CYS B 148 -13.22 11.66 6.82
CA CYS B 148 -11.98 12.39 6.57
C CYS B 148 -10.80 11.73 7.25
N ALA B 149 -10.99 11.26 8.48
CA ALA B 149 -9.90 10.56 9.18
C ALA B 149 -9.50 9.29 8.43
N GLN B 150 -10.48 8.55 7.95
CA GLN B 150 -10.20 7.31 7.24
C GLN B 150 -9.42 7.56 5.96
N THR B 151 -9.83 8.56 5.21
CA THR B 151 -9.18 8.89 3.95
C THR B 151 -7.74 9.33 4.18
N CYS B 152 -7.53 10.20 5.17
CA CYS B 152 -6.19 10.60 5.56
C CYS B 152 -5.30 9.39 5.84
N ARG B 153 -5.83 8.46 6.60
CA ARG B 153 -5.09 7.26 6.96
C ARG B 153 -4.80 6.42 5.74
N ASN B 154 -5.80 6.25 4.88
CA ASN B 154 -5.60 5.45 3.66
C ASN B 154 -4.48 6.04 2.79
N ILE B 155 -4.35 7.36 2.84
CA ILE B 155 -3.26 8.02 2.15
C ILE B 155 -1.92 7.87 2.88
N PHE B 156 -1.85 8.21 4.17
CA PHE B 156 -0.52 8.34 4.77
C PHE B 156 0.15 7.02 5.06
N VAL B 157 -0.59 5.92 5.12
CA VAL B 157 0.09 4.64 5.40
C VAL B 157 0.99 4.22 4.24
N LEU B 158 0.82 4.86 3.09
CA LEU B 158 1.53 4.42 1.87
C LEU B 158 2.97 4.89 1.74
N ASP B 159 3.32 5.96 2.44
CA ASP B 159 4.63 6.60 2.27
C ASP B 159 4.99 7.43 3.53
N LYS B 160 6.21 7.23 4.02
CA LYS B 160 6.71 7.97 5.16
C LYS B 160 6.63 9.48 4.92
N LYS B 161 6.86 9.92 3.70
CA LYS B 161 6.76 11.33 3.38
C LYS B 161 5.33 11.83 3.54
N TYR B 162 4.36 10.97 3.29
CA TYR B 162 2.95 11.38 3.43
C TYR B 162 2.66 11.57 4.90
N LYS B 163 3.19 10.68 5.73
CA LYS B 163 3.03 10.81 7.17
C LYS B 163 3.68 12.10 7.68
N LYS B 164 4.89 12.39 7.22
CA LYS B 164 5.56 13.63 7.60
C LYS B 164 4.72 14.85 7.26
N GLU B 165 4.11 14.83 6.07
CA GLU B 165 3.30 15.95 5.62
C GLU B 165 2.02 16.06 6.47
N PHE B 166 1.39 14.92 6.73
CA PHE B 166 0.21 14.85 7.58
C PHE B 166 0.52 15.48 8.95
N LEU B 167 1.68 15.14 9.50
CA LEU B 167 2.11 15.68 10.77
C LEU B 167 2.30 17.21 10.71
N LYS B 168 2.98 17.66 9.65
CA LYS B 168 3.28 19.07 9.43
C LYS B 168 2.00 19.89 9.34
N LEU B 169 0.98 19.28 8.76
CA LEU B 169 -0.28 19.98 8.51
C LEU B 169 -1.23 19.98 9.71
N GLY B 170 -0.83 19.38 10.82
CA GLY B 170 -1.65 19.36 12.02
C GLY B 170 -2.58 18.15 12.08
N GLY B 171 -2.34 17.15 11.24
CA GLY B 171 -3.18 15.97 11.19
C GLY B 171 -3.23 15.16 12.47
N ILE B 172 -2.12 15.10 13.19
CA ILE B 172 -2.08 14.33 14.44
C ILE B 172 -2.91 15.01 15.52
N THR B 173 -2.84 16.34 15.58
CA THR B 173 -3.72 17.10 16.47
C THR B 173 -5.19 16.70 16.23
N GLN B 174 -5.61 16.67 14.96
CA GLN B 174 -7.02 16.32 14.67
C GLN B 174 -7.37 14.88 15.05
N LEU B 175 -6.49 13.93 14.78
CA LEU B 175 -6.74 12.54 15.15
C LEU B 175 -6.90 12.41 16.67
N VAL B 176 -6.02 13.09 17.40
CA VAL B 176 -6.06 13.03 18.85
C VAL B 176 -7.35 13.64 19.36
N ASN B 177 -7.79 14.72 18.74
CA ASN B 177 -9.06 15.34 19.14
C ASN B 177 -10.27 14.43 18.93
N LEU B 178 -10.16 13.49 17.99
CA LEU B 178 -11.21 12.50 17.74
C LEU B 178 -11.31 11.50 18.87
N LEU B 179 -10.30 11.44 19.74
CA LEU B 179 -10.35 10.56 20.90
C LEU B 179 -11.26 11.09 21.99
N GLU B 180 -11.61 12.37 21.94
CA GLU B 180 -12.45 12.95 22.99
C GLU B 180 -13.79 12.27 23.05
N LEU B 181 -14.31 12.08 24.27
CA LEU B 181 -15.66 11.60 24.46
C LEU B 181 -16.65 12.68 24.02
N PRO B 182 -17.89 12.28 23.68
CA PRO B 182 -18.97 13.26 23.49
C PRO B 182 -19.22 14.06 24.77
N SER B 183 -19.67 15.30 24.64
CA SER B 183 -19.86 16.17 25.78
C SER B 183 -20.94 15.65 26.73
N ASN B 184 -21.82 14.80 26.21
CA ASN B 184 -22.89 14.26 27.04
C ASN B 184 -22.74 12.77 27.23
N TYR B 185 -21.49 12.30 27.25
CA TYR B 185 -21.26 10.86 27.28
C TYR B 185 -21.83 10.29 28.58
N ASP B 186 -22.66 9.26 28.47
CA ASP B 186 -23.37 8.72 29.63
C ASP B 186 -23.18 7.22 29.76
N ASP B 187 -22.17 6.69 29.05
CA ASP B 187 -21.87 5.26 28.89
C ASP B 187 -22.81 4.61 27.88
N SER B 188 -23.80 5.36 27.40
CA SER B 188 -24.78 4.83 26.47
C SER B 188 -24.34 4.84 25.00
N GLN B 189 -23.54 5.82 24.61
CA GLN B 189 -23.31 6.04 23.18
C GLN B 189 -22.17 5.18 22.66
N PRO B 190 -22.35 4.61 21.47
CA PRO B 190 -21.27 3.83 20.88
C PRO B 190 -20.17 4.78 20.45
N LEU B 191 -18.93 4.34 20.58
CA LEU B 191 -17.80 5.23 20.33
C LEU B 191 -16.98 4.74 19.13
N TYR B 192 -17.64 4.61 17.98
CA TYR B 192 -17.02 4.14 16.74
C TYR B 192 -15.84 4.99 16.32
N THR B 193 -16.07 6.29 16.18
CA THR B 193 -15.06 7.21 15.67
C THR B 193 -13.83 7.22 16.58
N GLN B 194 -14.04 7.17 17.90
CA GLN B 194 -12.92 7.15 18.85
C GLN B 194 -12.04 5.92 18.65
N LEU B 195 -12.68 4.77 18.51
CA LEU B 195 -11.96 3.52 18.31
C LEU B 195 -11.18 3.54 16.99
N GLU B 196 -11.80 4.01 15.93
CA GLU B 196 -11.12 4.09 14.63
C GLU B 196 -9.91 5.02 14.73
N ALA B 197 -10.02 6.10 15.50
CA ALA B 197 -8.91 7.04 15.64
C ALA B 197 -7.71 6.38 16.33
N ILE B 198 -7.98 5.51 17.29
CA ILE B 198 -6.89 4.77 17.93
C ILE B 198 -6.14 3.97 16.85
N TYR B 199 -6.90 3.29 16.00
CA TYR B 199 -6.29 2.51 14.92
C TYR B 199 -5.53 3.38 13.92
N HIS B 200 -6.06 4.56 13.62
CA HIS B 200 -5.37 5.50 12.73
C HIS B 200 -4.04 5.94 13.33
N LEU B 201 -4.04 6.26 14.62
CA LEU B 201 -2.82 6.67 15.28
C LEU B 201 -1.77 5.55 15.28
N GLU B 202 -2.22 4.31 15.54
CA GLU B 202 -1.32 3.16 15.44
C GLU B 202 -0.74 3.01 14.05
N ASP B 203 -1.59 3.17 13.04
CA ASP B 203 -1.15 3.04 11.65
C ASP B 203 -0.16 4.15 11.27
N PHE B 204 -0.26 5.30 11.94
CA PHE B 204 0.70 6.38 11.76
C PHE B 204 2.05 6.01 12.34
N ILE B 205 2.04 5.46 13.55
CA ILE B 205 3.28 5.14 14.28
C ILE B 205 4.03 4.00 13.60
N LEU B 206 3.29 3.02 13.09
CA LEU B 206 3.86 1.78 12.56
C LEU B 206 4.11 1.79 11.04
N ASN B 207 5.22 1.18 10.66
CA ASN B 207 5.50 0.83 9.26
C ASN B 207 5.50 -0.67 9.17
N ASP B 208 4.43 -1.24 8.62
CA ASP B 208 4.25 -2.70 8.53
C ASP B 208 4.63 -3.40 9.83
N GLY B 209 4.01 -2.96 10.92
CA GLY B 209 4.22 -3.58 12.22
C GLY B 209 5.39 -3.01 13.00
N ASP B 210 6.31 -2.35 12.31
CA ASP B 210 7.48 -1.79 12.98
C ASP B 210 7.28 -0.35 13.43
N GLU B 211 7.62 -0.09 14.68
CA GLU B 211 7.51 1.23 15.27
C GLU B 211 8.50 2.19 14.62
N ILE B 212 8.01 3.34 14.17
CA ILE B 212 8.90 4.39 13.68
C ILE B 212 9.07 5.43 14.79
N PRO B 213 10.29 5.52 15.35
CA PRO B 213 10.54 6.39 16.51
C PRO B 213 10.07 7.84 16.35
N GLU B 214 10.39 8.43 15.21
CA GLU B 214 9.95 9.78 14.87
C GLU B 214 8.43 9.96 15.05
N PHE B 215 7.67 8.98 14.57
CA PHE B 215 6.21 9.10 14.60
C PHE B 215 5.64 8.69 15.96
N LEU B 216 6.32 7.77 16.64
CA LEU B 216 5.98 7.47 18.03
C LEU B 216 6.09 8.73 18.88
N GLU B 217 7.16 9.47 18.66
CA GLU B 217 7.43 10.67 19.43
C GLU B 217 6.40 11.75 19.10
N ALA B 218 6.00 11.81 17.84
CA ALA B 218 4.98 12.77 17.41
C ALA B 218 3.67 12.57 18.19
N VAL B 219 3.24 11.32 18.31
CA VAL B 219 1.99 11.03 19.01
C VAL B 219 2.16 11.22 20.53
N LYS B 220 3.36 10.96 21.04
CA LYS B 220 3.61 11.23 22.45
C LYS B 220 3.49 12.72 22.75
N ASN B 221 4.01 13.55 21.83
CA ASN B 221 3.98 15.00 21.99
C ASN B 221 2.62 15.57 21.56
N SER B 222 1.58 15.09 22.20
CA SER B 222 0.22 15.52 21.93
C SER B 222 -0.68 15.18 23.10
N ASN B 223 -1.97 15.45 22.95
CA ASN B 223 -2.93 15.10 24.00
C ASN B 223 -3.37 13.65 23.98
N SER B 224 -2.62 12.82 23.27
CA SER B 224 -3.02 11.42 23.08
C SER B 224 -3.16 10.68 24.40
N ILE B 225 -2.13 10.75 25.23
CA ILE B 225 -2.17 10.04 26.51
C ILE B 225 -3.29 10.52 27.43
N LYS B 226 -3.46 11.84 27.54
CA LYS B 226 -4.59 12.38 28.30
C LYS B 226 -5.93 11.80 27.84
N ASN B 227 -6.19 11.82 26.54
CA ASN B 227 -7.48 11.35 26.03
C ASN B 227 -7.63 9.85 26.16
N LEU B 228 -6.54 9.12 25.94
CA LEU B 228 -6.57 7.67 26.05
C LEU B 228 -6.89 7.18 27.46
N LYS B 229 -6.34 7.86 28.47
CA LYS B 229 -6.63 7.50 29.85
C LYS B 229 -8.13 7.56 30.14
N THR B 230 -8.81 8.56 29.58
CA THR B 230 -10.26 8.65 29.73
C THR B 230 -10.95 7.50 29.03
N LEU B 231 -10.52 7.18 27.81
CA LEU B 231 -11.14 6.12 27.04
C LEU B 231 -10.98 4.73 27.66
N GLN B 232 -9.84 4.48 28.29
CA GLN B 232 -9.62 3.15 28.84
C GLN B 232 -10.47 2.89 30.08
N GLN B 233 -10.90 3.83 30.47
CA GLN B 233 -11.93 3.78 31.50
C GLN B 233 -13.33 3.53 30.92
N CYS B 234 -13.73 3.59 29.86
CA CYS B 234 -15.06 3.34 29.30
C CYS B 234 -15.44 1.86 29.28
N PRO B 235 -16.74 1.56 29.38
CA PRO B 235 -17.28 0.21 29.40
C PRO B 235 -17.57 -0.45 28.05
N GLU B 236 -16.73 -0.23 27.04
CA GLU B 236 -16.65 -1.16 25.91
C GLU B 236 -15.32 -1.86 26.00
N GLN B 237 -15.35 -3.18 26.14
CA GLN B 237 -14.13 -3.95 26.26
C GLN B 237 -13.22 -3.68 25.06
N ASP B 238 -13.80 -3.73 23.87
CA ASP B 238 -13.05 -3.48 22.63
C ASP B 238 -12.31 -2.14 22.68
N LEU B 239 -13.02 -1.08 23.02
CA LEU B 239 -12.42 0.25 23.07
C LEU B 239 -11.44 0.40 24.22
N ALA B 240 -11.78 -0.18 25.37
CA ALA B 240 -10.94 -0.04 26.56
C ALA B 240 -9.62 -0.76 26.38
N GLU B 241 -9.68 -1.96 25.83
CA GLU B 241 -8.47 -2.72 25.54
C GLU B 241 -7.61 -1.99 24.52
N ALA B 242 -8.24 -1.47 23.46
CA ALA B 242 -7.49 -0.80 22.40
C ALA B 242 -6.76 0.45 22.90
N SER B 243 -7.44 1.25 23.71
CA SER B 243 -6.83 2.44 24.28
C SER B 243 -5.68 2.04 25.20
N ASN B 244 -5.91 1.01 26.00
CA ASN B 244 -4.87 0.48 26.87
C ASN B 244 -3.62 0.08 26.09
N VAL B 245 -3.83 -0.62 24.98
CA VAL B 245 -2.72 -1.07 24.14
C VAL B 245 -1.90 0.10 23.60
N LEU B 246 -2.57 1.12 23.06
CA LEU B 246 -1.86 2.29 22.55
C LEU B 246 -1.24 3.08 23.70
N LEU B 247 -1.94 3.14 24.82
CA LEU B 247 -1.44 3.88 25.99
C LEU B 247 -0.08 3.33 26.42
N LEU B 248 -0.01 2.00 26.56
CA LEU B 248 1.24 1.33 26.91
C LEU B 248 2.38 1.63 25.95
N ARG B 249 2.05 1.73 24.66
CA ARG B 249 3.05 1.99 23.64
C ARG B 249 3.65 3.38 23.81
N LEU B 250 2.81 4.33 24.21
CA LEU B 250 3.19 5.73 24.31
C LEU B 250 3.81 6.12 25.65
N THR B 251 3.62 5.28 26.66
CA THR B 251 4.18 5.58 27.99
C THR B 251 5.63 5.15 28.12
#